data_6SZH
#
_entry.id   6SZH
#
_cell.length_a   120.300
_cell.length_b   64.120
_cell.length_c   71.600
_cell.angle_alpha   90.000
_cell.angle_beta   92.700
_cell.angle_gamma   90.000
#
_symmetry.space_group_name_H-M   'C 1 2 1'
#
loop_
_entity.id
_entity.type
_entity.pdbx_description
1 polymer 'Ditrans,polycis-undecaprenyl-diphosphate synthase ((2E,6E)-farnesyl-diphosphate specific)'
2 non-polymer 'CALCIUM ION'
3 non-polymer 3,5-dimethyl-1~{H}-pyrrole-2-carbonitrile
4 water water
#
_entity_poly.entity_id   1
_entity_poly.type   'polypeptide(L)'
_entity_poly.pdbx_seq_one_letter_code
;MGSSHHHHHHSSGLVPRGSHMTDSEEYHLPQHVAIIMDGNNRFAKKNQMQKGDGHREGKNVLDPIVEHCVKTGVRALTVF
AFSSENWNRPQYEVDLLMKLLEETIHEQIPRMKKFNIALRFIGDRSRLPSHLVALMEDAEQQTAHHDAMTLTIAVSYGGM
WDIANAAKQVAQAVSRGEIDADQINVDLFEKYVSLNDLPAVDLLIRTGGDFRISNFLLWQAAYAELYFTDTLWPEFTVEE
FDHALNVFSGRERRFGKTSEQIQQEKIEKL
;
_entity_poly.pdbx_strand_id   A,B
#
# COMPACT_ATOMS: atom_id res chain seq x y z
N HIS A 28 -1.69 2.21 -24.43
CA HIS A 28 -0.63 2.88 -23.69
C HIS A 28 0.06 1.94 -22.71
N LEU A 29 1.40 1.90 -22.76
CA LEU A 29 2.25 1.07 -21.92
C LEU A 29 2.38 1.65 -20.50
N PRO A 30 2.49 0.81 -19.43
CA PRO A 30 2.75 1.39 -18.10
C PRO A 30 4.14 2.01 -18.09
N GLN A 31 4.29 3.15 -17.41
CA GLN A 31 5.57 3.86 -17.31
C GLN A 31 6.49 3.21 -16.28
N HIS A 32 5.89 2.65 -15.20
CA HIS A 32 6.65 2.07 -14.10
C HIS A 32 5.93 0.84 -13.58
N VAL A 33 6.54 -0.32 -13.81
CA VAL A 33 6.02 -1.61 -13.39
C VAL A 33 6.75 -2.04 -12.10
N ALA A 34 5.99 -2.56 -11.12
CA ALA A 34 6.58 -3.11 -9.90
C ALA A 34 6.17 -4.57 -9.76
N ILE A 35 7.06 -5.42 -9.22
CA ILE A 35 6.77 -6.84 -9.07
C ILE A 35 7.07 -7.37 -7.70
N ILE A 36 6.11 -8.09 -7.10
CA ILE A 36 6.29 -8.86 -5.87
C ILE A 36 6.49 -10.28 -6.39
N MET A 37 7.71 -10.78 -6.25
CA MET A 37 8.15 -12.09 -6.76
C MET A 37 7.89 -13.23 -5.76
N ASP A 38 6.63 -13.56 -5.52
CA ASP A 38 6.29 -14.61 -4.53
C ASP A 38 6.08 -15.98 -5.17
N GLY A 39 6.23 -17.03 -4.37
CA GLY A 39 6.03 -18.41 -4.77
C GLY A 39 7.29 -19.24 -4.95
N ASN A 40 8.45 -18.74 -4.46
CA ASN A 40 9.74 -19.45 -4.56
C ASN A 40 9.79 -20.71 -3.70
N ASN A 41 9.44 -20.59 -2.40
CA ASN A 41 9.44 -21.72 -1.46
C ASN A 41 8.38 -22.77 -1.80
N ARG A 42 7.23 -22.35 -2.36
CA ARG A 42 6.15 -23.24 -2.76
C ARG A 42 6.56 -24.05 -4.00
N PHE A 43 7.35 -23.43 -4.91
CA PHE A 43 7.89 -24.06 -6.12
C PHE A 43 8.88 -25.16 -5.77
N ALA A 44 9.70 -24.93 -4.71
CA ALA A 44 10.69 -25.87 -4.19
C ALA A 44 10.04 -27.15 -3.66
N LYS A 45 8.89 -27.01 -2.97
CA LYS A 45 8.12 -28.12 -2.40
C LYS A 45 7.36 -28.90 -3.48
N LYS A 46 6.75 -28.19 -4.46
CA LYS A 46 5.98 -28.75 -5.57
C LYS A 46 6.82 -29.62 -6.51
N ASN A 47 8.01 -29.11 -6.92
CA ASN A 47 8.93 -29.81 -7.83
C ASN A 47 9.93 -30.73 -7.10
N GLN A 48 9.72 -30.96 -5.78
CA GLN A 48 10.54 -31.81 -4.88
C GLN A 48 12.03 -31.46 -4.96
N MET A 49 12.34 -30.16 -4.82
CA MET A 49 13.69 -29.59 -4.87
C MET A 49 14.30 -29.41 -3.47
N GLN A 50 15.59 -29.04 -3.41
CA GLN A 50 16.33 -28.81 -2.16
C GLN A 50 15.91 -27.48 -1.49
N LYS A 51 16.40 -27.23 -0.25
CA LYS A 51 16.10 -26.02 0.52
C LYS A 51 16.68 -24.76 -0.14
N GLY A 52 15.78 -23.85 -0.51
CA GLY A 52 16.12 -22.58 -1.14
C GLY A 52 16.44 -22.66 -2.63
N ASP A 53 16.12 -23.81 -3.27
CA ASP A 53 16.33 -24.03 -4.71
C ASP A 53 15.34 -23.20 -5.54
N GLY A 54 14.17 -22.89 -4.95
CA GLY A 54 13.15 -22.04 -5.54
C GLY A 54 13.63 -20.62 -5.72
N HIS A 55 14.43 -20.14 -4.73
CA HIS A 55 15.07 -18.82 -4.74
C HIS A 55 16.17 -18.78 -5.82
N ARG A 56 16.89 -19.91 -6.00
CA ARG A 56 17.95 -20.08 -6.99
C ARG A 56 17.37 -20.07 -8.42
N GLU A 57 16.25 -20.79 -8.64
CA GLU A 57 15.54 -20.84 -9.92
C GLU A 57 14.86 -19.47 -10.19
N GLY A 58 14.32 -18.87 -9.12
CA GLY A 58 13.63 -17.58 -9.13
C GLY A 58 14.48 -16.41 -9.60
N LYS A 59 15.76 -16.34 -9.16
CA LYS A 59 16.69 -15.26 -9.53
C LYS A 59 16.87 -15.11 -11.06
N ASN A 60 16.83 -16.26 -11.80
CA ASN A 60 17.02 -16.34 -13.25
C ASN A 60 15.81 -15.90 -14.09
N VAL A 61 14.60 -15.86 -13.48
CA VAL A 61 13.33 -15.47 -14.13
C VAL A 61 13.34 -13.98 -14.52
N LEU A 62 14.09 -13.17 -13.77
CA LEU A 62 14.18 -11.72 -13.95
C LEU A 62 14.83 -11.28 -15.28
N ASP A 63 15.90 -11.96 -15.73
CA ASP A 63 16.60 -11.57 -16.96
C ASP A 63 15.68 -11.44 -18.20
N PRO A 64 14.86 -12.45 -18.60
CA PRO A 64 13.97 -12.25 -19.77
C PRO A 64 12.94 -11.11 -19.59
N ILE A 65 12.47 -10.88 -18.35
CA ILE A 65 11.49 -9.81 -18.06
C ILE A 65 12.15 -8.43 -18.20
N VAL A 66 13.37 -8.26 -17.64
CA VAL A 66 14.14 -7.00 -17.77
C VAL A 66 14.38 -6.66 -19.26
N GLU A 67 14.78 -7.68 -20.04
CA GLU A 67 15.06 -7.51 -21.47
C GLU A 67 13.76 -7.15 -22.23
N HIS A 68 12.63 -7.79 -21.87
CA HIS A 68 11.32 -7.49 -22.46
C HIS A 68 10.96 -6.03 -22.20
N CYS A 69 11.18 -5.54 -20.96
CA CYS A 69 10.92 -4.17 -20.56
C CYS A 69 11.68 -3.19 -21.41
N VAL A 70 13.01 -3.40 -21.57
CA VAL A 70 13.83 -2.46 -22.32
C VAL A 70 13.46 -2.48 -23.84
N LYS A 71 13.14 -3.65 -24.40
CA LYS A 71 12.77 -3.77 -25.82
C LYS A 71 11.38 -3.20 -26.12
N THR A 72 10.45 -3.28 -25.15
CA THR A 72 9.07 -2.76 -25.26
C THR A 72 8.99 -1.24 -25.02
N GLY A 73 9.89 -0.69 -24.21
CA GLY A 73 9.91 0.74 -23.87
C GLY A 73 9.41 1.09 -22.47
N VAL A 74 9.35 0.11 -21.56
CA VAL A 74 8.95 0.35 -20.15
C VAL A 74 10.10 1.16 -19.52
N ARG A 75 9.82 2.35 -18.98
CA ARG A 75 10.87 3.22 -18.47
C ARG A 75 11.45 2.80 -17.13
N ALA A 76 10.67 2.09 -16.28
CA ALA A 76 11.13 1.67 -14.96
C ALA A 76 10.50 0.39 -14.52
N LEU A 77 11.32 -0.45 -13.87
CA LEU A 77 10.90 -1.71 -13.32
C LEU A 77 11.48 -1.81 -11.91
N THR A 78 10.63 -2.07 -10.91
CA THR A 78 11.07 -2.16 -9.51
C THR A 78 10.67 -3.51 -8.95
N VAL A 79 11.64 -4.25 -8.38
CA VAL A 79 11.33 -5.60 -7.89
C VAL A 79 11.57 -5.74 -6.39
N PHE A 80 10.70 -6.47 -5.72
CA PHE A 80 10.74 -6.67 -4.27
C PHE A 80 11.61 -7.86 -3.92
N ALA A 81 12.93 -7.64 -3.82
CA ALA A 81 13.85 -8.74 -3.56
C ALA A 81 13.96 -9.14 -2.10
N PHE A 82 13.97 -8.17 -1.19
CA PHE A 82 14.08 -8.46 0.24
C PHE A 82 13.35 -7.39 1.04
N SER A 83 12.35 -7.82 1.82
CA SER A 83 11.52 -6.90 2.62
C SER A 83 12.08 -6.63 4.01
N SER A 84 11.52 -5.61 4.71
CA SER A 84 11.85 -5.31 6.12
C SER A 84 11.50 -6.57 6.93
N GLU A 85 10.38 -7.23 6.57
CA GLU A 85 9.81 -8.42 7.23
C GLU A 85 10.67 -9.66 7.04
N ASN A 86 11.39 -9.74 5.88
CA ASN A 86 12.25 -10.87 5.55
C ASN A 86 13.43 -11.01 6.50
N TRP A 87 13.69 -9.98 7.33
CA TRP A 87 14.72 -10.02 8.37
C TRP A 87 14.33 -10.97 9.54
N ASN A 88 13.02 -11.34 9.62
CA ASN A 88 12.46 -12.21 10.67
C ASN A 88 12.16 -13.62 10.13
N ARG A 89 12.64 -13.92 8.89
CA ARG A 89 12.50 -15.25 8.30
C ARG A 89 13.59 -16.15 8.93
N PRO A 90 13.57 -17.50 8.78
CA PRO A 90 14.68 -18.30 9.32
C PRO A 90 16.06 -17.75 8.87
N GLN A 91 17.04 -17.62 9.79
CA GLN A 91 18.36 -17.06 9.52
C GLN A 91 19.07 -17.68 8.29
N TYR A 92 18.89 -18.99 8.06
CA TYR A 92 19.49 -19.64 6.88
C TYR A 92 18.90 -19.08 5.59
N GLU A 93 17.61 -18.67 5.62
CA GLU A 93 16.95 -18.10 4.46
C GLU A 93 17.51 -16.71 4.24
N VAL A 94 17.76 -15.95 5.32
CA VAL A 94 18.34 -14.60 5.29
C VAL A 94 19.77 -14.70 4.69
N ASP A 95 20.60 -15.67 5.18
CA ASP A 95 21.96 -15.87 4.68
C ASP A 95 21.92 -16.18 3.17
N LEU A 96 21.04 -17.10 2.76
CA LEU A 96 20.88 -17.49 1.36
C LEU A 96 20.46 -16.28 0.52
N LEU A 97 19.51 -15.48 1.03
CA LEU A 97 19.07 -14.30 0.27
C LEU A 97 20.21 -13.28 0.11
N MET A 98 21.06 -13.07 1.14
CA MET A 98 22.20 -12.14 1.02
C MET A 98 23.23 -12.66 -0.01
N LYS A 99 23.50 -13.97 0.01
CA LYS A 99 24.45 -14.56 -0.96
C LYS A 99 23.88 -14.45 -2.38
N LEU A 100 22.57 -14.70 -2.53
CA LEU A 100 21.91 -14.58 -3.82
C LEU A 100 21.87 -13.14 -4.32
N LEU A 101 21.69 -12.17 -3.40
CA LEU A 101 21.72 -10.77 -3.83
C LEU A 101 23.12 -10.38 -4.33
N GLU A 102 24.16 -10.81 -3.61
CA GLU A 102 25.54 -10.52 -4.01
C GLU A 102 25.83 -11.11 -5.39
N GLU A 103 25.41 -12.36 -5.61
CA GLU A 103 25.58 -13.06 -6.89
C GLU A 103 24.83 -12.31 -8.00
N THR A 104 23.56 -11.93 -7.72
CA THR A 104 22.74 -11.20 -8.68
C THR A 104 23.39 -9.88 -9.11
N ILE A 105 23.86 -9.05 -8.16
CA ILE A 105 24.48 -7.78 -8.49
C ILE A 105 25.68 -7.97 -9.40
N HIS A 106 26.59 -8.91 -9.04
CA HIS A 106 27.74 -9.17 -9.89
C HIS A 106 27.32 -9.56 -11.32
N GLU A 107 26.36 -10.49 -11.45
CA GLU A 107 25.87 -10.95 -12.75
C GLU A 107 25.17 -9.85 -13.56
N GLN A 108 24.49 -8.92 -12.86
CA GLN A 108 23.75 -7.84 -13.52
C GLN A 108 24.59 -6.71 -14.06
N ILE A 109 25.69 -6.33 -13.37
CA ILE A 109 26.53 -5.18 -13.76
C ILE A 109 26.86 -5.24 -15.27
N PRO A 110 27.42 -6.35 -15.83
CA PRO A 110 27.69 -6.35 -17.28
C PRO A 110 26.43 -6.24 -18.16
N ARG A 111 25.30 -6.79 -17.67
CA ARG A 111 24.01 -6.72 -18.38
C ARG A 111 23.47 -5.29 -18.42
N MET A 112 23.63 -4.52 -17.30
CA MET A 112 23.20 -3.11 -17.22
C MET A 112 23.99 -2.29 -18.26
N LYS A 113 25.31 -2.59 -18.39
CA LYS A 113 26.16 -1.89 -19.34
C LYS A 113 25.76 -2.26 -20.79
N LYS A 114 25.48 -3.54 -21.07
CA LYS A 114 25.09 -4.01 -22.40
C LYS A 114 23.75 -3.40 -22.89
N PHE A 115 22.76 -3.33 -21.99
CA PHE A 115 21.40 -2.86 -22.30
C PHE A 115 21.10 -1.40 -21.95
N ASN A 116 22.11 -0.62 -21.51
CA ASN A 116 21.97 0.80 -21.15
C ASN A 116 20.89 1.00 -20.06
N ILE A 117 20.95 0.17 -19.00
CA ILE A 117 19.98 0.24 -17.89
C ILE A 117 20.65 0.79 -16.65
N ALA A 118 19.98 1.73 -15.98
CA ALA A 118 20.49 2.28 -14.72
C ALA A 118 20.02 1.35 -13.58
N LEU A 119 20.97 0.88 -12.77
CA LEU A 119 20.64 -0.02 -11.65
C LEU A 119 20.61 0.73 -10.33
N ARG A 120 19.48 0.60 -9.58
CA ARG A 120 19.35 1.30 -8.31
C ARG A 120 18.90 0.33 -7.23
N PHE A 121 19.05 0.76 -5.99
CA PHE A 121 18.60 -0.03 -4.85
C PHE A 121 17.85 0.88 -3.91
N ILE A 122 16.78 0.36 -3.31
CA ILE A 122 16.04 1.13 -2.29
C ILE A 122 15.91 0.25 -1.07
N GLY A 123 15.87 0.88 0.09
CA GLY A 123 15.77 0.14 1.35
C GLY A 123 16.76 0.63 2.38
N ASP A 124 16.63 0.06 3.58
CA ASP A 124 17.45 0.41 4.73
C ASP A 124 18.82 -0.32 4.64
N ARG A 125 19.86 0.40 4.22
CA ARG A 125 21.22 -0.12 4.08
C ARG A 125 21.95 -0.41 5.41
N SER A 126 21.45 0.15 6.52
CA SER A 126 22.08 -0.02 7.83
C SER A 126 22.00 -1.47 8.30
N ARG A 127 20.97 -2.21 7.83
CA ARG A 127 20.70 -3.60 8.21
C ARG A 127 21.43 -4.63 7.34
N LEU A 128 22.03 -4.19 6.22
CA LEU A 128 22.72 -5.05 5.25
C LEU A 128 24.21 -5.27 5.55
N PRO A 129 24.81 -6.40 5.04
CA PRO A 129 26.27 -6.59 5.20
C PRO A 129 27.05 -5.46 4.54
N SER A 130 28.11 -4.98 5.21
CA SER A 130 28.97 -3.88 4.72
C SER A 130 29.53 -4.09 3.32
N HIS A 131 30.03 -5.31 3.00
CA HIS A 131 30.55 -5.64 1.67
C HIS A 131 29.45 -5.61 0.59
N LEU A 132 28.22 -5.99 0.97
CA LEU A 132 27.08 -5.95 0.04
C LEU A 132 26.74 -4.48 -0.26
N VAL A 133 26.78 -3.61 0.75
CA VAL A 133 26.52 -2.17 0.54
C VAL A 133 27.57 -1.57 -0.43
N ALA A 134 28.86 -1.96 -0.28
CA ALA A 134 29.94 -1.52 -1.16
C ALA A 134 29.67 -1.92 -2.62
N LEU A 135 29.20 -3.16 -2.85
CA LEU A 135 28.87 -3.67 -4.17
C LEU A 135 27.67 -2.92 -4.77
N MET A 136 26.65 -2.65 -3.94
CA MET A 136 25.46 -1.87 -4.34
C MET A 136 25.85 -0.46 -4.78
N GLU A 137 26.72 0.23 -3.99
CA GLU A 137 27.26 1.57 -4.31
C GLU A 137 28.01 1.55 -5.66
N ASP A 138 28.85 0.52 -5.90
CA ASP A 138 29.60 0.39 -7.15
C ASP A 138 28.65 0.24 -8.33
N ALA A 139 27.67 -0.69 -8.23
CA ALA A 139 26.72 -0.93 -9.30
C ALA A 139 25.90 0.33 -9.65
N GLU A 140 25.40 1.06 -8.63
CA GLU A 140 24.62 2.26 -8.92
CA GLU A 140 24.62 2.30 -8.86
C GLU A 140 25.49 3.39 -9.50
N GLN A 141 26.72 3.55 -8.98
CA GLN A 141 27.66 4.56 -9.49
C GLN A 141 28.03 4.30 -10.95
N GLN A 142 28.39 3.04 -11.32
CA GLN A 142 28.80 2.66 -12.67
C GLN A 142 27.68 2.70 -13.72
N THR A 143 26.40 2.67 -13.29
CA THR A 143 25.29 2.62 -14.22
C THR A 143 24.39 3.86 -14.16
N ALA A 144 24.68 4.81 -13.26
CA ALA A 144 23.85 6.00 -13.05
C ALA A 144 23.59 6.85 -14.32
N HIS A 145 24.52 6.81 -15.29
CA HIS A 145 24.43 7.58 -16.54
C HIS A 145 23.60 6.88 -17.62
N HIS A 146 23.23 5.61 -17.40
CA HIS A 146 22.43 4.83 -18.35
C HIS A 146 21.02 5.40 -18.42
N ASP A 147 20.42 5.42 -19.61
CA ASP A 147 19.10 6.08 -19.77
C ASP A 147 18.02 5.32 -20.54
N ALA A 148 18.22 4.05 -20.92
CA ALA A 148 17.13 3.37 -21.64
C ALA A 148 16.00 2.96 -20.65
N MET A 149 16.38 2.63 -19.40
CA MET A 149 15.44 2.16 -18.38
C MET A 149 16.10 2.21 -16.98
N THR A 150 15.29 2.22 -15.93
CA THR A 150 15.79 2.17 -14.57
C THR A 150 15.27 0.87 -13.95
N LEU A 151 16.20 0.00 -13.55
CA LEU A 151 15.86 -1.22 -12.84
C LEU A 151 16.16 -0.96 -11.37
N THR A 152 15.15 -1.08 -10.49
CA THR A 152 15.40 -0.87 -9.07
C THR A 152 15.16 -2.17 -8.33
N ILE A 153 16.12 -2.55 -7.47
CA ILE A 153 15.97 -3.72 -6.62
C ILE A 153 15.71 -3.23 -5.18
N ALA A 154 14.54 -3.60 -4.61
CA ALA A 154 14.15 -3.23 -3.24
C ALA A 154 14.77 -4.29 -2.31
N VAL A 155 15.76 -3.84 -1.51
CA VAL A 155 16.57 -4.69 -0.60
CA VAL A 155 16.50 -4.72 -0.59
C VAL A 155 16.51 -4.14 0.81
N SER A 156 16.04 -4.94 1.78
CA SER A 156 15.85 -4.54 3.18
C SER A 156 14.85 -3.32 3.11
N TYR A 157 13.87 -3.46 2.23
CA TYR A 157 12.87 -2.43 1.96
C TYR A 157 11.51 -2.75 2.52
N GLY A 158 10.82 -1.71 2.95
CA GLY A 158 9.42 -1.74 3.35
C GLY A 158 8.83 -0.37 3.09
N GLY A 159 7.58 -0.33 2.63
CA GLY A 159 6.91 0.94 2.37
C GLY A 159 6.81 1.78 3.64
N MET A 160 6.55 1.13 4.79
CA MET A 160 6.47 1.81 6.09
C MET A 160 7.83 2.43 6.45
N TRP A 161 8.93 1.63 6.32
CA TRP A 161 10.28 2.14 6.55
C TRP A 161 10.53 3.38 5.66
N ASP A 162 10.18 3.28 4.36
CA ASP A 162 10.40 4.33 3.35
C ASP A 162 9.70 5.63 3.77
N ILE A 163 8.41 5.49 4.12
CA ILE A 163 7.59 6.62 4.55
C ILE A 163 8.15 7.27 5.82
N ALA A 164 8.49 6.47 6.85
CA ALA A 164 9.04 7.01 8.11
C ALA A 164 10.41 7.64 7.89
N ASN A 165 11.22 7.07 6.97
CA ASN A 165 12.52 7.63 6.64
C ASN A 165 12.31 9.01 5.97
N ALA A 166 11.29 9.11 5.09
CA ALA A 166 10.99 10.39 4.42
C ALA A 166 10.55 11.42 5.50
N ALA A 167 9.72 11.00 6.48
CA ALA A 167 9.25 11.86 7.59
C ALA A 167 10.47 12.35 8.41
N LYS A 168 11.44 11.46 8.65
CA LYS A 168 12.67 11.82 9.38
C LYS A 168 13.47 12.90 8.60
N GLN A 169 13.64 12.71 7.28
CA GLN A 169 14.40 13.67 6.47
CA GLN A 169 14.36 13.64 6.37
C GLN A 169 13.71 15.03 6.41
N VAL A 170 12.37 15.05 6.34
CA VAL A 170 11.62 16.32 6.38
C VAL A 170 11.85 17.01 7.75
N ALA A 171 11.80 16.23 8.85
CA ALA A 171 11.98 16.79 10.19
C ALA A 171 13.41 17.29 10.41
N GLN A 172 14.42 16.64 9.80
CA GLN A 172 15.80 17.11 9.88
C GLN A 172 15.92 18.48 9.19
N ALA A 173 15.20 18.66 8.07
CA ALA A 173 15.18 19.92 7.30
C ALA A 173 14.51 21.02 8.11
N VAL A 174 13.47 20.65 8.89
CA VAL A 174 12.81 21.58 9.81
C VAL A 174 13.83 22.02 10.88
N SER A 175 14.58 21.05 11.44
CA SER A 175 15.60 21.31 12.47
C SER A 175 16.72 22.21 11.98
N ARG A 176 17.06 22.17 10.68
CA ARG A 176 18.12 23.00 10.08
C ARG A 176 17.59 24.39 9.71
N GLY A 177 16.29 24.62 9.93
CA GLY A 177 15.60 25.87 9.61
C GLY A 177 15.35 26.08 8.13
N GLU A 178 15.43 25.02 7.33
CA GLU A 178 15.24 25.08 5.87
C GLU A 178 13.76 25.01 5.44
N ILE A 179 12.93 24.36 6.27
CA ILE A 179 11.50 24.13 6.03
C ILE A 179 10.73 24.57 7.28
N ASP A 180 9.56 25.20 7.06
CA ASP A 180 8.59 25.56 8.10
C ASP A 180 7.66 24.33 8.19
N ALA A 181 7.54 23.74 9.40
CA ALA A 181 6.69 22.54 9.62
C ALA A 181 5.23 22.77 9.22
N ASP A 182 4.70 24.00 9.44
CA ASP A 182 3.33 24.36 9.09
C ASP A 182 3.02 24.25 7.58
N GLN A 183 4.07 24.21 6.75
CA GLN A 183 3.98 24.13 5.29
C GLN A 183 4.17 22.71 4.71
N ILE A 184 4.30 21.67 5.57
CA ILE A 184 4.44 20.28 5.10
C ILE A 184 3.10 19.80 4.56
N ASN A 185 3.12 19.34 3.30
CA ASN A 185 1.94 18.80 2.64
C ASN A 185 2.38 17.70 1.67
N VAL A 186 1.43 17.09 0.96
CA VAL A 186 1.71 15.97 0.03
C VAL A 186 2.82 16.31 -0.98
N ASP A 187 2.73 17.51 -1.61
CA ASP A 187 3.69 17.94 -2.63
C ASP A 187 5.11 18.07 -2.09
N LEU A 188 5.28 18.58 -0.86
CA LEU A 188 6.60 18.67 -0.23
C LEU A 188 7.11 17.26 0.16
N PHE A 189 6.26 16.49 0.86
CA PHE A 189 6.61 15.16 1.37
C PHE A 189 7.03 14.16 0.27
N GLU A 190 6.34 14.19 -0.88
CA GLU A 190 6.63 13.30 -2.01
C GLU A 190 8.09 13.39 -2.47
N LYS A 191 8.75 14.55 -2.30
CA LYS A 191 10.16 14.74 -2.68
C LYS A 191 11.15 13.90 -1.85
N TYR A 192 10.70 13.36 -0.69
CA TYR A 192 11.57 12.63 0.24
C TYR A 192 11.39 11.10 0.23
N VAL A 193 10.34 10.61 -0.46
CA VAL A 193 10.03 9.18 -0.58
C VAL A 193 10.95 8.59 -1.67
N SER A 194 11.34 7.29 -1.55
CA SER A 194 12.23 6.70 -2.54
CA SER A 194 12.19 6.61 -2.53
C SER A 194 11.61 6.71 -3.94
N LEU A 195 12.48 6.78 -4.99
CA LEU A 195 12.09 6.82 -6.40
C LEU A 195 11.21 8.01 -6.77
N ASN A 196 11.37 9.14 -6.06
CA ASN A 196 10.56 10.34 -6.33
C ASN A 196 10.87 10.94 -7.72
N ASP A 197 12.04 10.66 -8.29
CA ASP A 197 12.45 11.16 -9.62
C ASP A 197 11.96 10.25 -10.76
N LEU A 198 11.30 9.13 -10.42
CA LEU A 198 10.74 8.21 -11.40
C LEU A 198 9.23 8.45 -11.47
N PRO A 199 8.54 8.02 -12.55
CA PRO A 199 7.06 8.14 -12.54
C PRO A 199 6.46 7.26 -11.44
N ALA A 200 5.23 7.56 -11.04
CA ALA A 200 4.50 6.77 -10.05
C ALA A 200 4.33 5.34 -10.61
N VAL A 201 4.21 4.34 -9.72
CA VAL A 201 3.98 2.96 -10.13
C VAL A 201 2.56 2.89 -10.73
N ASP A 202 2.44 2.52 -11.99
CA ASP A 202 1.10 2.42 -12.59
C ASP A 202 0.61 0.98 -12.71
N LEU A 203 1.54 -0.02 -12.63
CA LEU A 203 1.18 -1.42 -12.66
C LEU A 203 1.99 -2.18 -11.63
N LEU A 204 1.29 -2.91 -10.76
CA LEU A 204 1.92 -3.74 -9.74
C LEU A 204 1.45 -5.14 -9.94
N ILE A 205 2.42 -6.03 -10.15
CA ILE A 205 2.22 -7.46 -10.35
C ILE A 205 2.57 -8.24 -9.10
N ARG A 206 1.72 -9.20 -8.72
CA ARG A 206 2.08 -10.09 -7.64
C ARG A 206 1.84 -11.50 -8.09
N THR A 207 2.93 -12.31 -8.11
CA THR A 207 2.88 -13.74 -8.44
C THR A 207 2.68 -14.51 -7.13
N GLY A 208 2.38 -15.81 -7.21
CA GLY A 208 2.28 -16.65 -6.03
C GLY A 208 0.91 -16.91 -5.44
N GLY A 209 -0.13 -16.26 -5.96
CA GLY A 209 -1.51 -16.52 -5.57
C GLY A 209 -2.13 -15.76 -4.41
N ASP A 210 -1.33 -14.94 -3.68
CA ASP A 210 -1.82 -14.16 -2.53
CA ASP A 210 -1.83 -14.16 -2.54
C ASP A 210 -2.28 -12.77 -2.99
N PHE A 211 -3.40 -12.28 -2.39
CA PHE A 211 -3.99 -10.98 -2.69
C PHE A 211 -3.61 -10.04 -1.54
N ARG A 212 -2.41 -9.46 -1.64
CA ARG A 212 -1.81 -8.62 -0.59
C ARG A 212 -0.71 -7.75 -1.21
N ILE A 213 -0.52 -6.49 -0.70
CA ILE A 213 0.55 -5.57 -1.14
C ILE A 213 1.84 -5.87 -0.31
N SER A 214 1.68 -6.47 0.90
CA SER A 214 2.77 -6.87 1.79
C SER A 214 3.84 -5.79 2.02
N ASN A 215 3.38 -4.58 2.36
CA ASN A 215 4.28 -3.48 2.72
C ASN A 215 5.35 -3.17 1.64
N PHE A 216 4.94 -3.17 0.39
CA PHE A 216 5.86 -2.85 -0.70
C PHE A 216 5.79 -1.33 -0.95
N LEU A 217 5.62 -0.88 -2.17
CA LEU A 217 5.62 0.55 -2.52
C LEU A 217 4.26 1.21 -2.22
N LEU A 218 3.99 1.38 -0.93
CA LEU A 218 2.71 1.94 -0.44
C LEU A 218 2.42 3.33 -1.02
N TRP A 219 3.36 4.27 -0.87
CA TRP A 219 3.20 5.63 -1.41
C TRP A 219 3.20 5.63 -2.96
N GLN A 220 4.23 5.03 -3.55
CA GLN A 220 4.49 5.06 -4.99
C GLN A 220 3.40 4.40 -5.83
N ALA A 221 2.72 3.38 -5.26
CA ALA A 221 1.69 2.60 -5.95
C ALA A 221 0.27 3.02 -5.50
N ALA A 222 0.12 4.24 -4.97
CA ALA A 222 -1.18 4.77 -4.48
C ALA A 222 -2.32 4.67 -5.53
N TYR A 223 -1.98 4.75 -6.83
CA TYR A 223 -2.95 4.67 -7.93
C TYR A 223 -2.68 3.51 -8.90
N ALA A 224 -1.85 2.55 -8.50
CA ALA A 224 -1.49 1.44 -9.38
C ALA A 224 -2.63 0.52 -9.70
N GLU A 225 -2.63 0.06 -10.97
CA GLU A 225 -3.48 -1.01 -11.43
C GLU A 225 -2.79 -2.25 -10.87
N LEU A 226 -3.57 -3.26 -10.54
CA LEU A 226 -3.04 -4.49 -9.96
C LEU A 226 -3.24 -5.70 -10.84
N TYR A 227 -2.22 -6.57 -10.87
CA TYR A 227 -2.29 -7.83 -11.60
C TYR A 227 -1.87 -8.93 -10.65
N PHE A 228 -2.81 -9.80 -10.26
CA PHE A 228 -2.52 -10.93 -9.39
C PHE A 228 -2.56 -12.20 -10.21
N THR A 229 -1.66 -13.14 -9.91
CA THR A 229 -1.62 -14.43 -10.60
C THR A 229 -1.27 -15.56 -9.65
N ASP A 230 -1.80 -16.77 -9.94
CA ASP A 230 -1.48 -17.98 -9.19
C ASP A 230 -0.11 -18.51 -9.64
N THR A 231 0.42 -18.04 -10.79
CA THR A 231 1.74 -18.48 -11.27
C THR A 231 2.79 -18.14 -10.22
N LEU A 232 3.58 -19.15 -9.81
CA LEU A 232 4.66 -18.98 -8.85
C LEU A 232 5.83 -18.28 -9.56
N TRP A 233 6.59 -17.44 -8.86
CA TRP A 233 7.69 -16.68 -9.47
C TRP A 233 8.67 -17.52 -10.34
N PRO A 234 9.19 -18.69 -9.90
CA PRO A 234 10.14 -19.43 -10.77
C PRO A 234 9.52 -19.99 -12.06
N GLU A 235 8.17 -19.93 -12.19
CA GLU A 235 7.37 -20.38 -13.34
C GLU A 235 6.89 -19.20 -14.19
N PHE A 236 7.10 -17.95 -13.74
CA PHE A 236 6.63 -16.74 -14.43
C PHE A 236 7.35 -16.51 -15.76
N THR A 237 6.56 -16.29 -16.82
CA THR A 237 7.08 -16.14 -18.20
C THR A 237 6.91 -14.73 -18.76
N VAL A 238 7.67 -14.41 -19.81
CA VAL A 238 7.59 -13.16 -20.55
C VAL A 238 6.19 -13.02 -21.21
N GLU A 239 5.58 -14.15 -21.63
CA GLU A 239 4.26 -14.21 -22.25
C GLU A 239 3.19 -13.71 -21.25
N GLU A 240 3.25 -14.20 -20.02
CA GLU A 240 2.31 -13.74 -18.98
C GLU A 240 2.59 -12.30 -18.56
N PHE A 241 3.89 -11.91 -18.48
CA PHE A 241 4.27 -10.54 -18.15
C PHE A 241 3.72 -9.60 -19.23
N ASP A 242 3.90 -9.99 -20.52
CA ASP A 242 3.40 -9.21 -21.65
C ASP A 242 1.87 -9.14 -21.62
N HIS A 243 1.19 -10.26 -21.22
CA HIS A 243 -0.27 -10.30 -21.06
C HIS A 243 -0.70 -9.26 -20.02
N ALA A 244 0.02 -9.19 -18.86
CA ALA A 244 -0.25 -8.21 -17.79
C ALA A 244 -0.11 -6.79 -18.31
N LEU A 245 0.92 -6.53 -19.16
CA LEU A 245 1.14 -5.22 -19.79
C LEU A 245 -0.03 -4.86 -20.71
N ASN A 246 -0.52 -5.86 -21.47
CA ASN A 246 -1.64 -5.69 -22.42
C ASN A 246 -2.99 -5.56 -21.69
N VAL A 247 -3.12 -6.11 -20.48
CA VAL A 247 -4.31 -5.98 -19.62
C VAL A 247 -4.37 -4.51 -19.17
N PHE A 248 -3.22 -3.94 -18.77
CA PHE A 248 -3.11 -2.53 -18.36
C PHE A 248 -3.48 -1.56 -19.51
N SER A 249 -2.97 -1.81 -20.73
CA SER A 249 -3.18 -0.98 -21.91
C SER A 249 -4.62 -1.00 -22.44
N GLY A 250 -5.21 -2.19 -22.47
CA GLY A 250 -6.54 -2.43 -23.01
C GLY A 250 -6.50 -3.31 -24.25
N ARG A 251 -5.28 -3.74 -24.65
CA ARG A 251 -5.04 -4.64 -25.79
C ARG A 251 -5.63 -6.03 -25.52
N GLU A 252 -5.55 -6.49 -24.26
CA GLU A 252 -6.07 -7.79 -23.81
C GLU A 252 -7.11 -7.60 -22.69
N ARG A 253 -8.04 -8.58 -22.55
CA ARG A 253 -9.11 -8.56 -21.55
C ARG A 253 -8.65 -9.12 -20.20
N SER B 24 -6.64 -26.31 9.17
CA SER B 24 -7.59 -25.22 9.32
C SER B 24 -8.68 -25.58 10.34
N GLU B 25 -8.28 -25.73 11.61
CA GLU B 25 -9.21 -26.06 12.68
C GLU B 25 -9.89 -24.77 13.16
N GLU B 26 -9.12 -23.68 13.40
CA GLU B 26 -9.68 -22.40 13.87
C GLU B 26 -9.87 -21.40 12.73
N TYR B 27 -11.09 -20.82 12.62
CA TYR B 27 -11.39 -19.85 11.58
C TYR B 27 -11.57 -18.47 12.21
N HIS B 28 -10.52 -17.65 12.15
CA HIS B 28 -10.55 -16.32 12.75
C HIS B 28 -11.03 -15.29 11.76
N LEU B 29 -12.02 -14.50 12.17
CA LEU B 29 -12.54 -13.43 11.33
C LEU B 29 -11.60 -12.23 11.35
N PRO B 30 -11.67 -11.31 10.36
CA PRO B 30 -10.78 -10.13 10.40
C PRO B 30 -11.18 -9.24 11.56
N GLN B 31 -10.20 -8.53 12.17
CA GLN B 31 -10.52 -7.64 13.29
C GLN B 31 -10.92 -6.24 12.79
N HIS B 32 -10.45 -5.85 11.60
CA HIS B 32 -10.70 -4.53 11.03
C HIS B 32 -10.87 -4.68 9.51
N VAL B 33 -12.08 -4.41 9.05
CA VAL B 33 -12.42 -4.51 7.63
C VAL B 33 -12.51 -3.11 7.05
N ALA B 34 -11.99 -2.90 5.83
CA ALA B 34 -12.12 -1.61 5.17
C ALA B 34 -12.83 -1.83 3.82
N ILE B 35 -13.67 -0.89 3.39
CA ILE B 35 -14.39 -1.08 2.12
C ILE B 35 -14.26 0.14 1.23
N ILE B 36 -13.94 -0.09 -0.05
CA ILE B 36 -13.95 0.95 -1.10
C ILE B 36 -15.31 0.70 -1.78
N MET B 37 -16.26 1.61 -1.56
CA MET B 37 -17.65 1.53 -2.03
C MET B 37 -17.80 2.05 -3.47
N ASP B 38 -17.21 1.32 -4.42
CA ASP B 38 -17.21 1.71 -5.84
C ASP B 38 -18.30 1.01 -6.66
N GLY B 39 -18.77 1.69 -7.71
CA GLY B 39 -19.80 1.19 -8.61
C GLY B 39 -21.09 1.98 -8.63
N ASN B 40 -21.16 3.07 -7.83
CA ASN B 40 -22.35 3.94 -7.71
C ASN B 40 -22.76 4.61 -9.03
N ASN B 41 -21.78 5.08 -9.83
CA ASN B 41 -22.01 5.73 -11.12
C ASN B 41 -22.19 4.68 -12.22
N ASN B 60 -27.91 2.93 2.12
CA ASN B 60 -28.67 1.92 2.85
C ASN B 60 -27.97 0.55 2.90
N VAL B 61 -27.09 0.25 1.90
CA VAL B 61 -26.32 -1.00 1.75
C VAL B 61 -25.44 -1.26 2.99
N LEU B 62 -24.91 -0.18 3.55
CA LEU B 62 -24.03 -0.21 4.70
C LEU B 62 -24.71 -0.70 5.99
N ASP B 63 -25.99 -0.34 6.21
CA ASP B 63 -26.70 -0.69 7.45
C ASP B 63 -26.70 -2.21 7.78
N PRO B 64 -27.07 -3.14 6.89
CA PRO B 64 -26.97 -4.56 7.29
C PRO B 64 -25.51 -5.05 7.43
N ILE B 65 -24.55 -4.42 6.71
CA ILE B 65 -23.12 -4.82 6.82
C ILE B 65 -22.61 -4.43 8.24
N VAL B 66 -22.95 -3.22 8.70
CA VAL B 66 -22.60 -2.75 10.06
C VAL B 66 -23.20 -3.72 11.11
N GLU B 67 -24.48 -4.12 10.92
CA GLU B 67 -25.16 -5.04 11.84
C GLU B 67 -24.52 -6.43 11.85
N HIS B 68 -23.99 -6.87 10.69
CA HIS B 68 -23.30 -8.16 10.56
C HIS B 68 -21.94 -8.12 11.26
N CYS B 69 -21.24 -6.96 11.25
CA CYS B 69 -19.98 -6.83 11.98
C CYS B 69 -20.21 -7.02 13.47
N VAL B 70 -21.26 -6.38 14.00
CA VAL B 70 -21.63 -6.50 15.42
C VAL B 70 -21.97 -7.96 15.76
N LYS B 71 -22.74 -8.63 14.90
CA LYS B 71 -23.13 -10.02 15.08
C LYS B 71 -21.94 -11.00 15.09
N THR B 72 -20.98 -10.80 14.17
CA THR B 72 -19.83 -11.69 14.01
C THR B 72 -18.58 -11.32 14.85
N GLY B 73 -18.58 -10.17 15.53
CA GLY B 73 -17.45 -9.78 16.37
C GLY B 73 -16.38 -8.93 15.70
N VAL B 74 -16.62 -8.46 14.45
CA VAL B 74 -15.65 -7.56 13.75
C VAL B 74 -15.60 -6.25 14.57
N ARG B 75 -14.41 -5.87 15.05
CA ARG B 75 -14.26 -4.71 15.93
C ARG B 75 -14.36 -3.37 15.23
N ALA B 76 -13.94 -3.32 13.97
CA ALA B 76 -13.92 -2.05 13.26
C ALA B 76 -14.24 -2.20 11.78
N LEU B 77 -14.94 -1.20 11.24
CA LEU B 77 -15.27 -1.11 9.83
C LEU B 77 -14.96 0.30 9.37
N THR B 78 -14.13 0.43 8.34
CA THR B 78 -13.74 1.71 7.78
C THR B 78 -14.18 1.77 6.33
N VAL B 79 -14.94 2.82 5.95
CA VAL B 79 -15.47 2.91 4.58
C VAL B 79 -15.03 4.17 3.86
N PHE B 80 -14.73 4.05 2.58
CA PHE B 80 -14.26 5.18 1.77
C PHE B 80 -15.43 5.91 1.13
N ALA B 81 -15.88 7.03 1.74
CA ALA B 81 -17.02 7.77 1.21
C ALA B 81 -16.66 8.82 0.18
N PHE B 82 -15.70 9.70 0.50
CA PHE B 82 -15.31 10.80 -0.37
C PHE B 82 -13.80 10.99 -0.36
N SER B 83 -13.18 10.90 -1.54
CA SER B 83 -11.73 11.01 -1.67
C SER B 83 -11.21 12.43 -1.89
N SER B 84 -9.87 12.61 -1.74
CA SER B 84 -9.15 13.86 -2.04
C SER B 84 -9.50 14.20 -3.52
N GLU B 85 -9.38 13.19 -4.41
CA GLU B 85 -9.63 13.24 -5.85
C GLU B 85 -11.06 13.74 -6.20
N ASN B 86 -12.06 13.43 -5.33
CA ASN B 86 -13.46 13.81 -5.52
C ASN B 86 -13.73 15.34 -5.46
N TRP B 87 -12.76 16.14 -4.94
CA TRP B 87 -12.89 17.61 -4.90
C TRP B 87 -12.72 18.22 -6.30
N ASN B 88 -12.06 17.48 -7.22
CA ASN B 88 -11.80 17.91 -8.59
C ASN B 88 -13.01 17.75 -9.52
N ARG B 89 -14.11 17.18 -9.00
CA ARG B 89 -15.37 16.99 -9.73
C ARG B 89 -16.12 18.35 -9.85
N PRO B 90 -17.13 18.50 -10.75
CA PRO B 90 -17.86 19.80 -10.84
C PRO B 90 -18.52 20.20 -9.51
N GLN B 91 -18.69 21.54 -9.29
CA GLN B 91 -19.25 22.11 -8.07
C GLN B 91 -20.63 21.57 -7.68
N TYR B 92 -21.55 21.38 -8.66
CA TYR B 92 -22.90 20.86 -8.38
C TYR B 92 -22.87 19.42 -7.85
N GLU B 93 -21.89 18.62 -8.32
CA GLU B 93 -21.68 17.24 -7.88
C GLU B 93 -21.16 17.23 -6.42
N VAL B 94 -20.18 18.10 -6.11
CA VAL B 94 -19.58 18.28 -4.77
C VAL B 94 -20.71 18.70 -3.79
N ASP B 95 -21.55 19.68 -4.19
CA ASP B 95 -22.70 20.15 -3.41
C ASP B 95 -23.68 19.01 -3.12
N LEU B 96 -23.99 18.16 -4.14
CA LEU B 96 -24.87 17.02 -3.94
C LEU B 96 -24.23 16.00 -2.97
N LEU B 97 -22.90 15.79 -3.09
CA LEU B 97 -22.19 14.87 -2.18
C LEU B 97 -22.19 15.38 -0.73
N MET B 98 -22.07 16.71 -0.54
CA MET B 98 -22.12 17.33 0.79
C MET B 98 -23.51 17.12 1.43
N LYS B 99 -24.59 17.24 0.61
CA LYS B 99 -25.97 16.98 1.07
C LYS B 99 -26.15 15.53 1.46
N LEU B 100 -25.61 14.59 0.65
CA LEU B 100 -25.72 13.16 0.94
C LEU B 100 -24.97 12.81 2.22
N LEU B 101 -23.79 13.42 2.44
CA LEU B 101 -23.01 13.16 3.65
C LEU B 101 -23.77 13.67 4.89
N GLU B 102 -24.35 14.88 4.80
CA GLU B 102 -25.11 15.46 5.90
C GLU B 102 -26.30 14.56 6.26
N GLU B 103 -27.06 14.14 5.24
CA GLU B 103 -28.21 13.25 5.40
C GLU B 103 -27.79 11.94 6.06
N THR B 104 -26.70 11.31 5.56
CA THR B 104 -26.22 10.05 6.09
C THR B 104 -25.81 10.15 7.58
N ILE B 105 -25.09 11.23 7.98
CA ILE B 105 -24.68 11.40 9.36
C ILE B 105 -25.91 11.53 10.27
N HIS B 106 -26.87 12.38 9.88
CA HIS B 106 -28.08 12.53 10.68
C HIS B 106 -28.80 11.19 10.85
N GLU B 107 -28.96 10.44 9.74
CA GLU B 107 -29.65 9.16 9.81
C GLU B 107 -28.89 8.12 10.63
N GLN B 108 -27.56 8.21 10.66
CA GLN B 108 -26.76 7.22 11.41
C GLN B 108 -26.70 7.46 12.91
N ILE B 109 -26.73 8.73 13.37
CA ILE B 109 -26.58 9.05 14.82
C ILE B 109 -27.54 8.21 15.70
N PRO B 110 -28.87 8.13 15.38
CA PRO B 110 -29.77 7.30 16.22
C PRO B 110 -29.40 5.81 16.22
N ARG B 111 -28.89 5.29 15.07
CA ARG B 111 -28.47 3.89 14.95
C ARG B 111 -27.20 3.67 15.80
N MET B 112 -26.24 4.61 15.74
CA MET B 112 -25.00 4.53 16.55
C MET B 112 -25.36 4.51 18.04
N LYS B 113 -26.36 5.29 18.46
CA LYS B 113 -26.79 5.29 19.85
C LYS B 113 -27.50 3.98 20.20
N LYS B 114 -28.44 3.53 19.35
CA LYS B 114 -29.20 2.30 19.62
C LYS B 114 -28.26 1.06 19.77
N PHE B 115 -27.32 0.90 18.85
CA PHE B 115 -26.41 -0.24 18.85
C PHE B 115 -25.12 -0.02 19.65
N ASN B 116 -24.96 1.18 20.25
CA ASN B 116 -23.74 1.52 21.00
C ASN B 116 -22.48 1.34 20.12
N ILE B 117 -22.49 1.95 18.94
CA ILE B 117 -21.33 1.91 18.03
C ILE B 117 -20.66 3.29 18.06
N ALA B 118 -19.31 3.30 17.99
CA ALA B 118 -18.55 4.56 17.92
C ALA B 118 -18.48 4.99 16.44
N LEU B 119 -18.85 6.25 16.18
CA LEU B 119 -18.78 6.77 14.82
C LEU B 119 -17.65 7.79 14.74
N ARG B 120 -16.71 7.58 13.82
CA ARG B 120 -15.54 8.44 13.62
C ARG B 120 -15.41 8.85 12.16
N PHE B 121 -14.67 9.93 11.91
CA PHE B 121 -14.39 10.36 10.56
C PHE B 121 -12.91 10.62 10.42
N ILE B 122 -12.37 10.29 9.26
CA ILE B 122 -10.95 10.57 8.94
C ILE B 122 -10.93 11.34 7.62
N GLY B 123 -9.93 12.21 7.47
CA GLY B 123 -9.76 13.04 6.29
C GLY B 123 -9.55 14.50 6.66
N ASP B 124 -9.29 15.30 5.62
CA ASP B 124 -9.00 16.72 5.73
C ASP B 124 -10.33 17.47 5.94
N ARG B 125 -10.51 18.08 7.11
CA ARG B 125 -11.74 18.81 7.41
C ARG B 125 -11.70 20.28 6.99
N SER B 126 -10.50 20.79 6.65
CA SER B 126 -10.32 22.18 6.26
C SER B 126 -11.09 22.55 4.99
N ARG B 127 -11.32 21.57 4.13
CA ARG B 127 -11.99 21.72 2.83
C ARG B 127 -13.53 21.62 2.92
N LEU B 128 -14.06 21.11 4.05
CA LEU B 128 -15.49 20.89 4.25
C LEU B 128 -16.30 22.11 4.77
N PRO B 129 -17.62 22.17 4.48
CA PRO B 129 -18.46 23.26 5.04
C PRO B 129 -18.54 23.20 6.57
N SER B 130 -18.58 24.37 7.24
CA SER B 130 -18.62 24.54 8.70
C SER B 130 -19.72 23.77 9.42
N HIS B 131 -20.95 23.77 8.87
CA HIS B 131 -22.09 23.05 9.49
C HIS B 131 -21.90 21.54 9.39
N LEU B 132 -21.24 21.05 8.33
CA LEU B 132 -20.96 19.62 8.16
C LEU B 132 -19.90 19.17 9.17
N VAL B 133 -18.84 19.98 9.37
CA VAL B 133 -17.77 19.71 10.34
C VAL B 133 -18.38 19.70 11.76
N ALA B 134 -19.26 20.70 12.07
CA ALA B 134 -19.93 20.77 13.38
C ALA B 134 -20.77 19.51 13.61
N LEU B 135 -21.45 19.01 12.55
CA LEU B 135 -22.26 17.78 12.60
C LEU B 135 -21.35 16.54 12.86
N MET B 136 -20.21 16.47 12.15
CA MET B 136 -19.24 15.38 12.30
C MET B 136 -18.73 15.35 13.74
N GLU B 137 -18.39 16.55 14.29
CA GLU B 137 -17.93 16.70 15.67
C GLU B 137 -19.01 16.22 16.65
N ASP B 138 -20.30 16.60 16.45
CA ASP B 138 -21.41 16.15 17.31
C ASP B 138 -21.50 14.62 17.34
N ALA B 139 -21.50 14.00 16.15
CA ALA B 139 -21.63 12.56 16.02
C ALA B 139 -20.45 11.85 16.70
N GLU B 140 -19.22 12.32 16.46
CA GLU B 140 -18.06 11.62 17.05
C GLU B 140 -18.00 11.83 18.59
N GLN B 141 -18.36 13.03 19.08
CA GLN B 141 -18.38 13.32 20.51
C GLN B 141 -19.49 12.56 21.28
N GLN B 142 -20.70 12.41 20.70
CA GLN B 142 -21.83 11.70 21.32
C GLN B 142 -21.60 10.19 21.37
N THR B 143 -20.70 9.67 20.51
CA THR B 143 -20.50 8.22 20.39
C THR B 143 -19.09 7.71 20.74
N ALA B 144 -18.17 8.62 21.11
CA ALA B 144 -16.75 8.28 21.30
C ALA B 144 -16.49 7.15 22.32
N HIS B 145 -17.34 7.03 23.33
CA HIS B 145 -17.20 6.03 24.40
C HIS B 145 -17.89 4.70 24.05
N HIS B 146 -18.62 4.63 22.92
CA HIS B 146 -19.35 3.40 22.54
C HIS B 146 -18.40 2.25 22.23
N ASP B 147 -18.69 1.03 22.74
CA ASP B 147 -17.72 -0.06 22.63
C ASP B 147 -18.13 -1.26 21.78
N ALA B 148 -19.34 -1.30 21.17
CA ALA B 148 -19.73 -2.47 20.38
C ALA B 148 -18.87 -2.68 19.13
N MET B 149 -18.39 -1.57 18.52
CA MET B 149 -17.64 -1.58 17.26
C MET B 149 -17.30 -0.12 16.97
N THR B 150 -16.35 0.08 16.07
CA THR B 150 -16.01 1.41 15.58
C THR B 150 -16.27 1.45 14.10
N LEU B 151 -17.13 2.39 13.69
CA LEU B 151 -17.43 2.64 12.29
C LEU B 151 -16.72 3.96 11.92
N THR B 152 -15.80 3.89 10.96
CA THR B 152 -15.08 5.09 10.48
C THR B 152 -15.45 5.39 9.07
N ILE B 153 -15.80 6.65 8.80
CA ILE B 153 -16.15 7.09 7.46
C ILE B 153 -15.06 8.03 6.98
N ALA B 154 -14.41 7.66 5.87
CA ALA B 154 -13.32 8.45 5.31
C ALA B 154 -13.91 9.49 4.37
N VAL B 155 -13.84 10.77 4.80
CA VAL B 155 -14.43 11.95 4.12
CA VAL B 155 -14.39 11.88 4.02
C VAL B 155 -13.32 12.94 3.77
N SER B 156 -13.21 13.38 2.47
CA SER B 156 -12.19 14.33 1.99
C SER B 156 -10.84 13.67 2.38
N TYR B 157 -10.79 12.32 2.18
CA TYR B 157 -9.66 11.51 2.63
C TYR B 157 -8.80 11.01 1.48
N GLY B 158 -7.50 10.88 1.76
CA GLY B 158 -6.53 10.27 0.87
C GLY B 158 -5.43 9.66 1.72
N GLY B 159 -4.93 8.47 1.33
CA GLY B 159 -3.83 7.83 2.04
C GLY B 159 -2.60 8.73 2.06
N MET B 160 -2.29 9.37 0.91
CA MET B 160 -1.13 10.27 0.84
C MET B 160 -1.33 11.47 1.75
N TRP B 161 -2.55 12.07 1.72
CA TRP B 161 -2.87 13.19 2.61
C TRP B 161 -2.62 12.76 4.09
N ASP B 162 -3.13 11.58 4.47
CA ASP B 162 -3.03 11.03 5.82
C ASP B 162 -1.56 10.92 6.25
N ILE B 163 -0.74 10.27 5.42
CA ILE B 163 0.70 10.13 5.67
C ILE B 163 1.43 11.48 5.79
N ALA B 164 1.19 12.44 4.85
CA ALA B 164 1.86 13.73 4.88
C ALA B 164 1.40 14.55 6.10
N ASN B 165 0.13 14.36 6.50
CA ASN B 165 -0.43 14.99 7.70
C ASN B 165 0.32 14.48 8.95
N ALA B 166 0.55 13.16 9.00
CA ALA B 166 1.31 12.53 10.09
C ALA B 166 2.73 13.12 10.11
N ALA B 167 3.40 13.23 8.92
CA ALA B 167 4.76 13.79 8.82
C ALA B 167 4.78 15.24 9.32
N LYS B 168 3.72 16.01 9.01
CA LYS B 168 3.60 17.39 9.46
C LYS B 168 3.56 17.46 10.99
N GLN B 169 2.71 16.63 11.65
CA GLN B 169 2.56 16.67 13.12
C GLN B 169 3.84 16.24 13.81
N VAL B 170 4.55 15.24 13.23
CA VAL B 170 5.83 14.80 13.77
C VAL B 170 6.85 15.98 13.71
N ALA B 171 6.90 16.68 12.55
CA ALA B 171 7.80 17.82 12.34
C ALA B 171 7.45 18.97 13.28
N GLN B 172 6.15 19.18 13.56
CA GLN B 172 5.71 20.21 14.50
C GLN B 172 6.22 19.88 15.90
N ALA B 173 6.11 18.59 16.32
CA ALA B 173 6.63 18.13 17.61
C ALA B 173 8.16 18.39 17.68
N VAL B 174 8.89 18.18 16.57
CA VAL B 174 10.33 18.47 16.48
C VAL B 174 10.56 19.99 16.64
N SER B 175 9.76 20.82 15.94
CA SER B 175 9.93 22.28 16.03
C SER B 175 9.64 22.86 17.43
N ARG B 176 8.79 22.16 18.21
CA ARG B 176 8.44 22.58 19.58
C ARG B 176 9.39 22.02 20.63
N GLY B 177 10.33 21.19 20.19
CA GLY B 177 11.33 20.57 21.06
C GLY B 177 10.83 19.39 21.87
N GLU B 178 9.68 18.80 21.46
CA GLU B 178 9.09 17.64 22.15
C GLU B 178 9.90 16.39 21.84
N ILE B 179 10.44 16.30 20.62
CA ILE B 179 11.27 15.18 20.17
C ILE B 179 12.40 15.65 19.27
N ASP B 180 13.45 14.82 19.15
CA ASP B 180 14.55 15.09 18.25
C ASP B 180 14.26 14.28 16.98
N ALA B 181 14.53 14.86 15.78
CA ALA B 181 14.26 14.20 14.50
C ALA B 181 14.93 12.83 14.39
N ASP B 182 16.04 12.63 15.12
CA ASP B 182 16.76 11.35 15.09
C ASP B 182 15.95 10.18 15.69
N GLN B 183 14.91 10.49 16.47
CA GLN B 183 14.06 9.45 17.08
C GLN B 183 12.97 8.94 16.12
N ILE B 184 12.82 9.58 14.93
CA ILE B 184 11.75 9.23 14.00
C ILE B 184 12.03 7.92 13.29
N ASN B 185 11.21 6.93 13.60
CA ASN B 185 11.30 5.61 12.97
C ASN B 185 9.85 5.14 12.78
N VAL B 186 9.65 3.91 12.27
CA VAL B 186 8.31 3.38 12.01
C VAL B 186 7.45 3.40 13.30
N ASP B 187 8.03 2.95 14.42
CA ASP B 187 7.33 2.87 15.71
C ASP B 187 6.82 4.22 16.19
N LEU B 188 7.58 5.31 16.01
CA LEU B 188 7.12 6.63 16.43
C LEU B 188 6.10 7.18 15.40
N PHE B 189 6.48 7.11 14.11
CA PHE B 189 5.65 7.65 13.03
C PHE B 189 4.23 7.06 12.99
N GLU B 190 4.08 5.74 13.12
CA GLU B 190 2.77 5.06 13.03
C GLU B 190 1.73 5.61 13.98
N LYS B 191 2.16 6.14 15.15
CA LYS B 191 1.25 6.74 16.15
C LYS B 191 0.45 7.92 15.55
N TYR B 192 1.05 8.60 14.56
CA TYR B 192 0.46 9.78 13.94
C TYR B 192 -0.43 9.50 12.72
N VAL B 193 -0.43 8.25 12.24
CA VAL B 193 -1.23 7.86 11.10
C VAL B 193 -2.67 7.61 11.61
N SER B 194 -3.70 8.01 10.85
CA SER B 194 -5.07 7.82 11.36
CA SER B 194 -5.09 7.82 11.27
C SER B 194 -5.37 6.35 11.67
N LEU B 195 -6.24 6.17 12.67
CA LEU B 195 -6.71 4.87 13.18
C LEU B 195 -5.64 3.96 13.77
N ASN B 196 -4.55 4.54 14.26
CA ASN B 196 -3.49 3.72 14.84
C ASN B 196 -3.87 3.03 16.15
N ASP B 197 -4.92 3.51 16.84
CA ASP B 197 -5.43 2.87 18.06
C ASP B 197 -6.30 1.63 17.76
N LEU B 198 -6.77 1.50 16.52
CA LEU B 198 -7.57 0.34 16.12
C LEU B 198 -6.65 -0.76 15.58
N PRO B 199 -7.10 -2.03 15.49
CA PRO B 199 -6.22 -3.05 14.88
C PRO B 199 -5.85 -2.65 13.44
N ALA B 200 -4.73 -3.15 12.93
CA ALA B 200 -4.37 -2.88 11.52
C ALA B 200 -5.51 -3.44 10.64
N VAL B 201 -5.74 -2.85 9.46
CA VAL B 201 -6.77 -3.34 8.53
C VAL B 201 -6.27 -4.71 8.05
N ASP B 202 -7.05 -5.75 8.28
CA ASP B 202 -6.61 -7.08 7.84
C ASP B 202 -7.39 -7.59 6.63
N LEU B 203 -8.53 -6.94 6.29
CA LEU B 203 -9.33 -7.26 5.10
C LEU B 203 -9.81 -5.99 4.43
N LEU B 204 -9.48 -5.82 3.16
CA LEU B 204 -9.91 -4.67 2.38
CA LEU B 204 -9.92 -4.67 2.37
C LEU B 204 -10.73 -5.15 1.17
N ILE B 205 -11.98 -4.73 1.12
CA ILE B 205 -12.93 -5.09 0.06
C ILE B 205 -13.02 -3.96 -0.94
N ARG B 206 -12.91 -4.29 -2.23
CA ARG B 206 -13.11 -3.30 -3.28
C ARG B 206 -14.23 -3.81 -4.21
N THR B 207 -15.39 -3.12 -4.21
CA THR B 207 -16.52 -3.51 -5.10
C THR B 207 -16.33 -2.72 -6.41
N GLY B 208 -17.13 -3.02 -7.42
CA GLY B 208 -17.06 -2.26 -8.66
C GLY B 208 -16.22 -2.83 -9.78
N GLY B 209 -15.57 -3.97 -9.55
CA GLY B 209 -14.81 -4.71 -10.56
C GLY B 209 -13.39 -4.28 -10.93
N ASP B 210 -12.93 -3.10 -10.48
CA ASP B 210 -11.56 -2.68 -10.80
C ASP B 210 -10.53 -3.31 -9.85
N PHE B 211 -9.34 -3.66 -10.37
CA PHE B 211 -8.26 -4.25 -9.57
C PHE B 211 -7.22 -3.17 -9.46
N ARG B 212 -7.42 -2.26 -8.52
CA ARG B 212 -6.51 -1.14 -8.40
C ARG B 212 -6.51 -0.55 -7.03
N ILE B 213 -5.42 0.17 -6.77
CA ILE B 213 -5.23 0.93 -5.56
C ILE B 213 -5.75 2.31 -5.91
N SER B 214 -6.52 2.92 -4.99
CA SER B 214 -7.06 4.26 -5.22
CA SER B 214 -7.11 4.24 -5.18
C SER B 214 -6.84 5.20 -4.01
N ASN B 215 -5.59 5.24 -3.51
CA ASN B 215 -5.19 6.16 -2.47
C ASN B 215 -6.07 6.09 -1.21
N PHE B 216 -6.38 4.84 -0.78
N PHE B 216 -6.39 4.91 -0.73
CA PHE B 216 -7.15 4.45 0.41
CA PHE B 216 -7.17 4.85 0.51
C PHE B 216 -6.31 3.52 1.28
C PHE B 216 -6.10 4.64 1.62
N LEU B 217 -6.34 3.78 2.56
CA LEU B 217 -5.55 3.26 3.69
C LEU B 217 -4.20 2.59 3.28
N LEU B 218 -3.32 3.36 2.68
CA LEU B 218 -2.01 2.89 2.21
C LEU B 218 -1.18 2.29 3.33
N TRP B 219 -1.03 3.03 4.45
CA TRP B 219 -0.30 2.57 5.61
C TRP B 219 -1.07 1.44 6.36
N GLN B 220 -2.30 1.72 6.75
CA GLN B 220 -3.14 0.84 7.58
C GLN B 220 -3.43 -0.54 6.97
N ALA B 221 -3.52 -0.62 5.62
CA ALA B 221 -3.81 -1.88 4.93
C ALA B 221 -2.55 -2.51 4.27
N ALA B 222 -1.34 -2.15 4.76
CA ALA B 222 -0.04 -2.67 4.23
C ALA B 222 0.01 -4.21 4.15
N TYR B 223 -0.65 -4.89 5.08
CA TYR B 223 -0.68 -6.35 5.09
C TYR B 223 -2.06 -6.92 4.94
N ALA B 224 -3.06 -6.10 4.60
CA ALA B 224 -4.42 -6.62 4.50
C ALA B 224 -4.58 -7.59 3.34
N GLU B 225 -5.41 -8.61 3.57
CA GLU B 225 -5.88 -9.51 2.54
C GLU B 225 -6.82 -8.63 1.68
N LEU B 226 -6.77 -8.79 0.37
CA LEU B 226 -7.59 -7.98 -0.55
C LEU B 226 -8.69 -8.81 -1.21
N TYR B 227 -9.93 -8.32 -1.12
CA TYR B 227 -11.09 -8.98 -1.73
C TYR B 227 -11.66 -8.07 -2.81
N PHE B 228 -11.58 -8.52 -4.05
CA PHE B 228 -12.09 -7.76 -5.19
C PHE B 228 -13.35 -8.48 -5.73
N THR B 229 -14.34 -7.69 -6.12
CA THR B 229 -15.59 -8.24 -6.66
C THR B 229 -16.15 -7.37 -7.76
N ASP B 230 -16.81 -7.99 -8.75
CA ASP B 230 -17.47 -7.27 -9.84
C ASP B 230 -18.76 -6.60 -9.37
N THR B 231 -19.33 -7.08 -8.24
CA THR B 231 -20.56 -6.54 -7.64
C THR B 231 -20.43 -5.03 -7.46
N LEU B 232 -21.42 -4.28 -7.92
CA LEU B 232 -21.43 -2.83 -7.74
C LEU B 232 -21.92 -2.54 -6.31
N TRP B 233 -21.37 -1.49 -5.67
CA TRP B 233 -21.73 -1.13 -4.29
C TRP B 233 -23.25 -1.13 -4.00
N PRO B 234 -24.13 -0.43 -4.79
CA PRO B 234 -25.58 -0.48 -4.50
C PRO B 234 -26.22 -1.87 -4.48
N GLU B 235 -25.55 -2.88 -5.09
CA GLU B 235 -26.03 -4.26 -5.15
C GLU B 235 -25.29 -5.21 -4.21
N PHE B 236 -24.35 -4.67 -3.41
CA PHE B 236 -23.55 -5.49 -2.48
C PHE B 236 -24.42 -6.02 -1.34
N THR B 237 -24.34 -7.33 -1.10
CA THR B 237 -25.14 -8.05 -0.12
C THR B 237 -24.36 -8.47 1.13
N VAL B 238 -25.10 -8.73 2.23
CA VAL B 238 -24.50 -9.23 3.48
C VAL B 238 -23.99 -10.66 3.26
N GLU B 239 -24.63 -11.41 2.35
CA GLU B 239 -24.22 -12.78 2.01
C GLU B 239 -22.82 -12.73 1.38
N GLU B 240 -22.57 -11.76 0.50
CA GLU B 240 -21.25 -11.62 -0.12
C GLU B 240 -20.25 -11.04 0.88
N PHE B 241 -20.70 -10.08 1.72
CA PHE B 241 -19.82 -9.53 2.77
C PHE B 241 -19.35 -10.71 3.67
N ASP B 242 -20.26 -11.61 4.06
CA ASP B 242 -19.97 -12.78 4.90
C ASP B 242 -19.03 -13.76 4.19
N HIS B 243 -19.17 -13.88 2.86
CA HIS B 243 -18.29 -14.73 2.04
C HIS B 243 -16.86 -14.19 2.11
N ALA B 244 -16.68 -12.85 1.97
CA ALA B 244 -15.36 -12.19 2.07
C ALA B 244 -14.72 -12.45 3.45
N LEU B 245 -15.51 -12.37 4.54
CA LEU B 245 -15.03 -12.64 5.90
C LEU B 245 -14.53 -14.09 5.99
N ASN B 246 -15.24 -15.02 5.32
CA ASN B 246 -14.93 -16.44 5.35
C ASN B 246 -13.76 -16.82 4.45
N VAL B 247 -13.50 -16.03 3.40
CA VAL B 247 -12.33 -16.20 2.52
C VAL B 247 -11.11 -15.81 3.39
N PHE B 248 -11.24 -14.70 4.15
CA PHE B 248 -10.19 -14.29 5.07
C PHE B 248 -9.89 -15.38 6.10
N SER B 249 -10.93 -15.92 6.78
CA SER B 249 -10.75 -16.92 7.85
C SER B 249 -10.23 -18.27 7.32
N GLY B 250 -10.47 -18.53 6.03
CA GLY B 250 -10.10 -19.79 5.38
C GLY B 250 -11.22 -20.82 5.42
N ARG B 251 -12.41 -20.44 5.92
CA ARG B 251 -13.58 -21.33 6.00
C ARG B 251 -14.12 -21.56 4.58
N GLU B 252 -14.01 -20.54 3.72
CA GLU B 252 -14.45 -20.58 2.33
C GLU B 252 -13.30 -20.19 1.41
N ARG B 253 -13.40 -20.55 0.13
CA ARG B 253 -12.39 -20.26 -0.89
C ARG B 253 -12.94 -19.31 -1.93
N ARG B 254 -12.07 -18.54 -2.60
CA ARG B 254 -12.42 -17.62 -3.69
C ARG B 254 -12.93 -18.40 -4.90
#